data_4RD1
#
_entry.id   4RD1
#
_cell.length_a   46.320
_cell.length_b   60.610
_cell.length_c   144.600
_cell.angle_alpha   90.00
_cell.angle_beta   90.00
_cell.angle_gamma   90.00
#
_symmetry.space_group_name_H-M   'P 21 21 21'
#
loop_
_entity.id
_entity.type
_entity.pdbx_description
1 polymer 'Translation initiation factor 2 subunit gamma'
2 non-polymer "GUANOSINE-5'-TRIPHOSPHATE"
3 non-polymer "GUANOSINE-5'-DIPHOSPHATE"
4 non-polymer 'MAGNESIUM ION'
5 non-polymer 'PHOSPHATE ION'
6 non-polymer (4S)-2-METHYL-2,4-PENTANEDIOL
7 water water
#
_entity_poly.entity_id   1
_entity_poly.type   'polypeptide(L)'
_entity_poly.pdbx_seq_one_letter_code
;MAWPKVQPEVNIGVVGHVDHGKTTLVQAITGIWTSKHSEELKRGMTIKLGYAETNIGVCESCKKPEAYVTEPSCKSCGSD
DEPKFLRRISFIDAPGAEVLMATMLSGAALMDGAILVVAANEPFPQPQTREHFVALGIIGVKNLIIVQNKVDVVSKEEAL
SQYRQIKQFTKGTWAENVPIIPVSALHKINIDSLIEGIEEYIKTPYRDLSQKPVMLVIRSFDVNKPGTQFNELKGGVIGG
SIIQGLFKVDQEIKVLPGLRVEKQGKVSYEPIFTKISSIRFGDEEFKEAKPGGLVAIGTYLDPSLTKADNLLGSIITLAD
AEVPVLWNIRIKYNLLERVVGAKEMLKVDPIRAKETLMLSVGSSTTLGIVTSVKKDEIEVELRRPVAVWSNNIRTVISRQ
IAGRWRMIGWGLVEI
;
_entity_poly.pdbx_strand_id   A
#
# COMPACT_ATOMS: atom_id res chain seq x y z
N ALA A 2 -10.91 17.98 -23.12
CA ALA A 2 -11.16 17.39 -21.81
C ALA A 2 -10.32 16.13 -21.60
N TRP A 3 -10.09 15.79 -20.34
CA TRP A 3 -9.44 14.53 -20.00
C TRP A 3 -10.51 13.49 -19.71
N PRO A 4 -10.25 12.21 -20.06
CA PRO A 4 -11.22 11.16 -19.76
C PRO A 4 -11.34 10.90 -18.27
N LYS A 5 -12.47 10.35 -17.85
CA LYS A 5 -12.67 9.92 -16.48
C LYS A 5 -12.47 8.41 -16.42
N VAL A 6 -11.34 8.01 -15.86
CA VAL A 6 -10.97 6.60 -15.80
C VAL A 6 -10.48 6.27 -14.41
N GLN A 7 -10.45 4.98 -14.07
CA GLN A 7 -9.90 4.60 -12.78
C GLN A 7 -8.39 4.81 -12.79
N PRO A 8 -7.78 4.95 -11.60
CA PRO A 8 -6.31 4.95 -11.61
C PRO A 8 -5.80 3.60 -12.11
N GLU A 9 -4.65 3.61 -12.77
CA GLU A 9 -4.09 2.40 -13.34
C GLU A 9 -2.85 1.88 -12.62
N VAL A 10 -2.39 2.61 -11.60
CA VAL A 10 -1.18 2.24 -10.88
C VAL A 10 -1.25 2.75 -9.42
N ASN A 11 -0.68 1.98 -8.48
CA ASN A 11 -0.61 2.35 -7.08
C ASN A 11 0.83 2.62 -6.68
N ILE A 12 1.09 3.82 -6.17
CA ILE A 12 2.44 4.19 -5.77
C ILE A 12 2.48 4.35 -4.25
N GLY A 13 3.26 3.51 -3.60
CA GLY A 13 3.42 3.61 -2.17
C GLY A 13 4.23 4.84 -1.79
N VAL A 14 3.95 5.38 -0.60
CA VAL A 14 4.77 6.46 -0.07
C VAL A 14 5.17 6.04 1.32
N VAL A 15 6.48 5.83 1.51
CA VAL A 15 7.01 5.25 2.73
C VAL A 15 8.17 6.07 3.27
N GLY A 16 8.63 5.72 4.47
CA GLY A 16 9.69 6.48 5.10
C GLY A 16 9.45 6.78 6.56
N HIS A 17 10.48 7.30 7.23
CA HIS A 17 10.45 7.55 8.65
C HIS A 17 9.38 8.55 9.06
N VAL A 18 8.95 8.47 10.31
CA VAL A 18 7.92 9.36 10.85
C VAL A 18 8.29 10.83 10.66
N ASP A 19 7.31 11.60 10.20
CA ASP A 19 7.41 13.05 10.00
C ASP A 19 8.36 13.50 8.88
N HIS A 20 8.78 12.57 8.04
CA HIS A 20 9.70 12.96 6.97
C HIS A 20 9.02 13.67 5.80
N GLY A 21 7.68 13.65 5.78
CA GLY A 21 6.94 14.42 4.80
C GLY A 21 6.08 13.65 3.81
N LYS A 22 5.80 12.37 4.10
CA LYS A 22 5.03 11.52 3.19
C LYS A 22 3.66 12.09 2.81
N THR A 23 2.88 12.46 3.82
CA THR A 23 1.51 12.90 3.59
C THR A 23 1.50 14.28 2.93
N THR A 24 2.44 15.13 3.33
CA THR A 24 2.60 16.43 2.70
C THR A 24 3.02 16.30 1.24
N LEU A 25 3.84 15.30 0.95
CA LEU A 25 4.22 15.02 -0.44
C LEU A 25 3.02 14.59 -1.27
N VAL A 26 2.21 13.69 -0.75
CA VAL A 26 0.98 13.29 -1.45
C VAL A 26 0.06 14.49 -1.68
N GLN A 27 -0.02 15.39 -0.71
CA GLN A 27 -0.80 16.61 -0.87
C GLN A 27 -0.23 17.52 -1.97
N ALA A 28 1.09 17.64 -2.03
CA ALA A 28 1.74 18.47 -3.05
C ALA A 28 1.43 17.98 -4.46
N ILE A 29 1.36 16.67 -4.63
CA ILE A 29 1.08 16.08 -5.93
C ILE A 29 -0.41 16.09 -6.29
N THR A 30 -1.27 15.76 -5.33
CA THR A 30 -2.69 15.51 -5.61
C THR A 30 -3.65 16.58 -5.12
N GLY A 31 -3.23 17.38 -4.16
CA GLY A 31 -4.08 18.38 -3.54
C GLY A 31 -4.88 17.85 -2.36
N ILE A 32 -4.74 16.56 -2.09
CA ILE A 32 -5.51 15.86 -1.06
C ILE A 32 -4.70 15.55 0.21
N TRP A 33 -5.25 15.85 1.37
CA TRP A 33 -4.68 15.41 2.64
C TRP A 33 -5.29 14.05 2.98
N THR A 34 -4.45 13.02 3.09
CA THR A 34 -4.97 11.66 3.19
C THR A 34 -5.55 11.27 4.57
N SER A 35 -5.19 12.00 5.61
CA SER A 35 -5.61 11.63 6.96
C SER A 35 -7.07 12.02 7.19
N LYS A 36 -7.91 11.03 7.47
CA LYS A 36 -9.35 11.26 7.61
CA LYS A 36 -9.34 11.28 7.61
C LYS A 36 -9.88 10.94 8.99
N HIS A 37 -9.06 10.30 9.81
CA HIS A 37 -9.53 9.84 11.12
C HIS A 37 -9.26 10.86 12.23
N SER A 38 -10.20 10.95 13.18
CA SER A 38 -10.06 11.83 14.33
C SER A 38 -8.68 11.76 15.01
N GLU A 39 -8.24 10.55 15.31
CA GLU A 39 -6.98 10.34 16.00
C GLU A 39 -5.78 10.80 15.16
N GLU A 40 -5.90 10.66 13.84
CA GLU A 40 -4.83 11.12 12.97
C GLU A 40 -4.69 12.63 13.00
N LEU A 41 -5.81 13.33 12.99
CA LEU A 41 -5.80 14.78 13.03
C LEU A 41 -5.34 15.32 14.38
N LYS A 42 -5.77 14.68 15.47
CA LYS A 42 -5.39 15.09 16.82
C LYS A 42 -3.89 14.92 17.08
N ARG A 43 -3.32 13.83 16.55
CA ARG A 43 -1.93 13.48 16.81
C ARG A 43 -0.98 13.99 15.74
N GLY A 44 -1.53 14.45 14.62
CA GLY A 44 -0.73 14.90 13.50
C GLY A 44 0.12 13.80 12.91
N MET A 45 -0.47 12.62 12.74
CA MET A 45 0.25 11.47 12.22
CA MET A 45 0.25 11.49 12.18
C MET A 45 -0.67 10.59 11.37
N THR A 46 -0.10 9.87 10.42
CA THR A 46 -0.84 8.87 9.68
C THR A 46 -0.94 7.61 10.54
N ILE A 47 -2.13 7.05 10.66
CA ILE A 47 -2.30 5.79 11.38
C ILE A 47 -2.79 4.68 10.46
N LYS A 48 -3.94 4.91 9.83
CA LYS A 48 -4.42 4.00 8.80
C LYS A 48 -3.77 4.32 7.46
N LEU A 49 -3.82 3.37 6.53
CA LEU A 49 -3.36 3.66 5.18
C LEU A 49 -4.13 4.84 4.58
N GLY A 50 -3.39 5.83 4.09
CA GLY A 50 -3.99 6.96 3.39
C GLY A 50 -4.07 6.72 1.89
N TYR A 51 -4.94 7.45 1.20
CA TYR A 51 -5.16 7.26 -0.21
C TYR A 51 -5.50 8.57 -0.93
N ALA A 52 -4.93 8.76 -2.12
CA ALA A 52 -5.27 9.90 -2.96
C ALA A 52 -5.01 9.58 -4.43
N GLU A 53 -5.75 10.23 -5.34
CA GLU A 53 -5.59 10.04 -6.77
C GLU A 53 -5.27 11.34 -7.47
N THR A 54 -4.62 11.23 -8.62
CA THR A 54 -4.53 12.36 -9.55
C THR A 54 -4.36 11.93 -11.01
N ASN A 55 -4.92 12.71 -11.92
CA ASN A 55 -4.56 12.59 -13.32
C ASN A 55 -3.16 13.14 -13.57
N ILE A 56 -2.49 12.59 -14.59
CA ILE A 56 -1.19 13.09 -15.01
C ILE A 56 -1.26 13.34 -16.50
N GLY A 57 -0.73 14.47 -16.95
CA GLY A 57 -0.63 14.77 -18.36
C GLY A 57 0.67 15.48 -18.69
N VAL A 58 0.87 15.75 -19.98
CA VAL A 58 2.06 16.43 -20.43
C VAL A 58 1.76 17.48 -21.49
N CYS A 59 2.31 18.67 -21.30
CA CYS A 59 2.15 19.76 -22.25
C CYS A 59 3.19 19.61 -23.36
N GLU A 60 2.74 19.20 -24.53
CA GLU A 60 3.65 18.84 -25.61
C GLU A 60 4.46 20.02 -26.17
N SER A 61 3.97 21.24 -25.96
CA SER A 61 4.67 22.43 -26.44
C SER A 61 5.67 22.99 -25.43
N CYS A 62 5.63 22.48 -24.20
CA CYS A 62 6.49 23.00 -23.14
C CYS A 62 7.73 22.13 -22.92
N LYS A 63 8.73 22.70 -22.24
CA LYS A 63 9.92 21.95 -21.87
C LYS A 63 9.68 21.14 -20.61
N LYS A 64 10.40 20.03 -20.47
CA LYS A 64 10.36 19.22 -19.25
C LYS A 64 11.33 19.80 -18.24
N PRO A 65 11.04 19.67 -16.94
CA PRO A 65 9.92 18.91 -16.36
C PRO A 65 8.63 19.70 -16.19
N GLU A 66 8.65 21.02 -16.43
CA GLU A 66 7.46 21.84 -16.19
C GLU A 66 6.28 21.44 -17.07
N ALA A 67 6.56 20.71 -18.14
CA ALA A 67 5.51 20.23 -19.04
C ALA A 67 4.58 19.24 -18.34
N TYR A 68 5.06 18.59 -17.29
CA TYR A 68 4.24 17.61 -16.57
C TYR A 68 3.27 18.28 -15.61
N VAL A 69 1.99 17.94 -15.74
CA VAL A 69 0.93 18.60 -15.00
C VAL A 69 -0.06 17.60 -14.40
N THR A 70 -0.79 18.06 -13.39
CA THR A 70 -1.74 17.21 -12.70
C THR A 70 -3.17 17.69 -12.92
N GLU A 71 -3.32 18.64 -13.84
CA GLU A 71 -4.62 19.18 -14.20
C GLU A 71 -4.61 19.54 -15.68
N PRO A 72 -5.79 19.61 -16.32
CA PRO A 72 -5.79 19.86 -17.78
C PRO A 72 -5.53 21.30 -18.18
N SER A 73 -4.38 21.85 -17.78
CA SER A 73 -3.98 23.18 -18.20
C SER A 73 -2.47 23.23 -18.45
N CYS A 74 -2.04 24.05 -19.41
CA CYS A 74 -0.63 24.29 -19.65
C CYS A 74 -0.27 25.75 -19.43
N LYS A 75 -1.17 26.50 -18.81
N LYS A 75 -1.19 26.49 -18.81
CA LYS A 75 -0.95 27.93 -18.58
CA LYS A 75 -1.01 27.91 -18.53
C LYS A 75 0.30 28.20 -17.73
C LYS A 75 0.28 28.18 -17.75
N SER A 76 0.63 27.26 -16.85
CA SER A 76 1.80 27.40 -15.99
C SER A 76 3.11 27.37 -16.78
N CYS A 77 3.15 26.62 -17.87
CA CYS A 77 4.37 26.58 -18.69
C CYS A 77 4.27 27.44 -19.95
N GLY A 78 3.25 28.30 -19.98
CA GLY A 78 3.14 29.33 -21.00
C GLY A 78 2.42 28.93 -22.28
N SER A 79 1.57 27.91 -22.21
CA SER A 79 0.86 27.42 -23.38
C SER A 79 -0.64 27.40 -23.16
N ASP A 80 -1.39 27.75 -24.22
CA ASP A 80 -2.84 27.71 -24.17
C ASP A 80 -3.40 26.37 -24.65
N ASP A 81 -2.51 25.47 -25.06
CA ASP A 81 -2.90 24.14 -25.50
C ASP A 81 -3.38 23.30 -24.32
N GLU A 82 -4.23 22.31 -24.59
CA GLU A 82 -4.58 21.34 -23.56
C GLU A 82 -3.46 20.31 -23.49
N PRO A 83 -3.06 19.92 -22.26
CA PRO A 83 -2.04 18.87 -22.16
C PRO A 83 -2.59 17.51 -22.59
N LYS A 84 -1.70 16.66 -23.08
CA LYS A 84 -2.05 15.30 -23.43
C LYS A 84 -2.21 14.46 -22.18
N PHE A 85 -3.36 13.81 -22.02
CA PHE A 85 -3.59 12.91 -20.90
C PHE A 85 -2.66 11.70 -21.00
N LEU A 86 -1.98 11.38 -19.90
CA LEU A 86 -1.13 10.20 -19.85
C LEU A 86 -1.80 9.04 -19.11
N ARG A 87 -2.15 9.26 -17.84
CA ARG A 87 -2.77 8.21 -17.03
C ARG A 87 -3.25 8.82 -15.72
N ARG A 88 -4.13 8.09 -15.03
CA ARG A 88 -4.50 8.42 -13.67
C ARG A 88 -3.71 7.53 -12.71
N ILE A 89 -3.13 8.13 -11.67
CA ILE A 89 -2.32 7.39 -10.72
C ILE A 89 -2.92 7.54 -9.32
N SER A 90 -2.50 6.68 -8.40
CA SER A 90 -2.95 6.77 -7.02
C SER A 90 -1.80 6.49 -6.09
N PHE A 91 -1.96 6.93 -4.85
CA PHE A 91 -0.95 6.82 -3.80
C PHE A 91 -1.49 6.07 -2.60
N ILE A 92 -0.69 5.16 -2.07
CA ILE A 92 -0.94 4.46 -0.82
C ILE A 92 0.02 5.07 0.18
N ASP A 93 -0.49 5.90 1.07
CA ASP A 93 0.28 6.69 2.01
C ASP A 93 0.41 5.92 3.31
N ALA A 94 1.60 5.41 3.60
CA ALA A 94 1.79 4.53 4.75
C ALA A 94 2.18 5.31 6.01
N PRO A 95 1.83 4.77 7.18
CA PRO A 95 2.36 5.36 8.42
C PRO A 95 3.84 5.03 8.61
N GLY A 96 4.58 5.98 9.17
CA GLY A 96 5.99 5.78 9.46
C GLY A 96 6.28 5.39 10.88
N ALA A 97 5.29 5.52 11.78
CA ALA A 97 5.48 5.17 13.18
C ALA A 97 5.96 3.73 13.33
N GLU A 98 6.96 3.52 14.19
CA GLU A 98 7.57 2.20 14.30
C GLU A 98 6.58 1.14 14.78
N VAL A 99 5.61 1.54 15.58
CA VAL A 99 4.58 0.64 16.11
C VAL A 99 3.55 0.23 15.04
N LEU A 100 3.58 0.87 13.88
CA LEU A 100 2.60 0.63 12.83
C LEU A 100 3.19 -0.08 11.62
N MET A 101 4.31 -0.77 11.82
CA MET A 101 4.94 -1.48 10.71
C MET A 101 3.99 -2.48 10.01
N ALA A 102 3.14 -3.18 10.76
CA ALA A 102 2.23 -4.15 10.14
C ALA A 102 1.28 -3.46 9.17
N THR A 103 0.89 -2.23 9.48
CA THR A 103 0.03 -1.46 8.59
C THR A 103 0.79 -1.10 7.31
N MET A 104 2.04 -0.67 7.47
CA MET A 104 2.89 -0.42 6.31
C MET A 104 3.00 -1.67 5.43
N LEU A 105 3.18 -2.83 6.05
CA LEU A 105 3.32 -4.07 5.30
C LEU A 105 2.05 -4.44 4.55
N SER A 106 0.90 -4.17 5.16
N SER A 106 0.91 -4.19 5.18
CA SER A 106 -0.36 -4.44 4.48
CA SER A 106 -0.38 -4.41 4.53
C SER A 106 -0.54 -3.53 3.26
C SER A 106 -0.50 -3.54 3.28
N GLY A 107 -0.07 -2.29 3.38
CA GLY A 107 -0.10 -1.38 2.25
C GLY A 107 0.89 -1.76 1.15
N ALA A 108 2.03 -2.28 1.56
CA ALA A 108 3.04 -2.69 0.58
C ALA A 108 2.56 -3.79 -0.37
N ALA A 109 1.64 -4.63 0.11
CA ALA A 109 1.03 -5.68 -0.72
C ALA A 109 0.19 -5.11 -1.88
N LEU A 110 -0.09 -3.82 -1.81
CA LEU A 110 -0.94 -3.17 -2.81
C LEU A 110 -0.16 -2.29 -3.77
N MET A 111 1.15 -2.19 -3.55
CA MET A 111 2.00 -1.24 -4.28
C MET A 111 2.56 -1.79 -5.59
N ASP A 112 2.46 -0.99 -6.64
CA ASP A 112 3.09 -1.29 -7.93
C ASP A 112 4.49 -0.66 -8.02
N GLY A 113 4.79 0.25 -7.11
CA GLY A 113 6.02 0.99 -7.08
C GLY A 113 5.99 1.83 -5.81
N ALA A 114 7.05 2.55 -5.51
CA ALA A 114 7.08 3.34 -4.27
C ALA A 114 8.00 4.52 -4.35
N ILE A 115 7.70 5.51 -3.51
CA ILE A 115 8.57 6.62 -3.23
C ILE A 115 8.99 6.49 -1.77
N LEU A 116 10.31 6.41 -1.53
CA LEU A 116 10.86 6.44 -0.19
C LEU A 116 11.25 7.88 0.12
N VAL A 117 10.53 8.50 1.07
CA VAL A 117 10.78 9.89 1.42
C VAL A 117 11.82 10.00 2.52
N VAL A 118 12.88 10.76 2.26
CA VAL A 118 13.97 10.95 3.21
C VAL A 118 14.10 12.43 3.52
N ALA A 119 13.96 12.81 4.79
CA ALA A 119 14.08 14.22 5.16
C ALA A 119 15.53 14.67 5.14
N ALA A 120 15.80 15.78 4.45
CA ALA A 120 17.16 16.29 4.32
C ALA A 120 17.74 16.83 5.62
N ASN A 121 16.87 17.15 6.57
CA ASN A 121 17.30 17.79 7.82
C ASN A 121 17.33 16.84 9.01
N GLU A 122 17.34 15.54 8.75
CA GLU A 122 17.47 14.55 9.82
C GLU A 122 18.63 13.64 9.49
N PRO A 123 19.24 13.04 10.52
CA PRO A 123 20.36 12.14 10.25
C PRO A 123 19.90 10.95 9.41
N PHE A 124 20.76 10.47 8.52
CA PHE A 124 20.43 9.36 7.66
C PHE A 124 21.37 8.19 7.97
N PRO A 125 20.84 6.95 7.93
CA PRO A 125 19.45 6.55 7.71
C PRO A 125 18.73 6.32 9.03
N GLN A 126 17.58 6.98 9.21
CA GLN A 126 16.76 6.76 10.38
C GLN A 126 16.14 5.35 10.35
N PRO A 127 15.75 4.83 11.54
CA PRO A 127 15.27 3.45 11.66
C PRO A 127 14.20 3.03 10.65
N GLN A 128 13.17 3.84 10.43
CA GLN A 128 12.15 3.43 9.48
C GLN A 128 12.46 3.77 8.03
N THR A 129 13.48 4.60 7.81
CA THR A 129 14.07 4.71 6.48
C THR A 129 14.65 3.35 6.11
N ARG A 130 15.48 2.81 7.01
CA ARG A 130 16.07 1.48 6.81
C ARG A 130 14.97 0.42 6.75
N GLU A 131 14.04 0.46 7.69
CA GLU A 131 13.09 -0.63 7.79
C GLU A 131 12.13 -0.68 6.61
N HIS A 132 11.63 0.49 6.19
CA HIS A 132 10.74 0.50 5.02
C HIS A 132 11.48 0.11 3.74
N PHE A 133 12.75 0.50 3.64
CA PHE A 133 13.58 0.10 2.49
C PHE A 133 13.69 -1.42 2.43
N VAL A 134 13.98 -2.03 3.58
CA VAL A 134 14.12 -3.48 3.65
C VAL A 134 12.80 -4.17 3.31
N ALA A 135 11.69 -3.62 3.84
CA ALA A 135 10.37 -4.16 3.53
C ALA A 135 10.07 -4.13 2.04
N LEU A 136 10.39 -3.03 1.37
CA LEU A 136 10.15 -2.94 -0.06
C LEU A 136 10.91 -4.03 -0.80
N GLY A 137 12.16 -4.26 -0.39
CA GLY A 137 12.98 -5.28 -1.02
C GLY A 137 12.40 -6.68 -0.84
N ILE A 138 11.98 -6.98 0.37
CA ILE A 138 11.41 -8.29 0.69
C ILE A 138 10.15 -8.57 -0.12
N ILE A 139 9.28 -7.56 -0.18
CA ILE A 139 7.98 -7.69 -0.83
C ILE A 139 8.11 -7.63 -2.36
N GLY A 140 9.22 -7.07 -2.82
CA GLY A 140 9.51 -7.03 -4.24
C GLY A 140 9.09 -5.77 -4.96
N VAL A 141 8.87 -4.70 -4.20
CA VAL A 141 8.49 -3.41 -4.78
C VAL A 141 9.75 -2.68 -5.22
N LYS A 142 10.28 -3.12 -6.36
N LYS A 142 10.29 -3.10 -6.36
CA LYS A 142 11.58 -2.67 -6.84
CA LYS A 142 11.59 -2.59 -6.79
C LYS A 142 11.54 -1.34 -7.61
C LYS A 142 11.56 -1.43 -7.76
N ASN A 143 10.36 -0.95 -8.08
CA ASN A 143 10.22 0.28 -8.85
C ASN A 143 10.13 1.46 -7.91
N LEU A 144 11.31 1.90 -7.48
CA LEU A 144 11.49 2.87 -6.41
C LEU A 144 12.08 4.19 -6.89
N ILE A 145 11.55 5.27 -6.32
CA ILE A 145 12.17 6.59 -6.40
C ILE A 145 12.48 7.03 -4.97
N ILE A 146 13.69 7.52 -4.72
CA ILE A 146 13.96 8.12 -3.43
C ILE A 146 13.79 9.62 -3.55
N VAL A 147 12.97 10.20 -2.67
CA VAL A 147 12.77 11.62 -2.68
C VAL A 147 13.45 12.23 -1.47
N GLN A 148 14.34 13.18 -1.73
CA GLN A 148 14.98 13.91 -0.65
C GLN A 148 14.12 15.12 -0.34
N ASN A 149 13.36 15.04 0.75
CA ASN A 149 12.39 16.08 1.10
C ASN A 149 12.98 17.13 2.04
N LYS A 150 12.27 18.24 2.22
CA LYS A 150 12.65 19.30 3.14
C LYS A 150 13.95 20.01 2.77
N VAL A 151 14.27 20.04 1.47
CA VAL A 151 15.48 20.74 1.03
C VAL A 151 15.39 22.26 1.25
N ASP A 152 14.20 22.74 1.58
CA ASP A 152 13.98 24.16 1.87
C ASP A 152 14.61 24.60 3.19
N VAL A 153 14.96 23.65 4.05
CA VAL A 153 15.52 24.01 5.36
C VAL A 153 16.94 23.52 5.59
N VAL A 154 17.64 23.15 4.52
CA VAL A 154 19.07 22.85 4.61
C VAL A 154 19.87 23.57 3.53
N SER A 155 21.16 23.73 3.75
CA SER A 155 22.03 24.35 2.76
C SER A 155 22.22 23.40 1.58
N LYS A 156 22.70 23.93 0.46
CA LYS A 156 22.99 23.11 -0.70
C LYS A 156 24.08 22.10 -0.38
N GLU A 157 25.04 22.53 0.43
CA GLU A 157 26.15 21.68 0.83
C GLU A 157 25.63 20.48 1.63
N GLU A 158 24.73 20.72 2.56
CA GLU A 158 24.17 19.65 3.38
CA GLU A 158 24.14 19.67 3.38
C GLU A 158 23.31 18.70 2.54
N ALA A 159 22.53 19.25 1.61
CA ALA A 159 21.71 18.40 0.75
C ALA A 159 22.60 17.48 -0.09
N LEU A 160 23.68 18.04 -0.61
CA LEU A 160 24.61 17.27 -1.44
C LEU A 160 25.31 16.18 -0.63
N SER A 161 25.73 16.53 0.58
CA SER A 161 26.34 15.55 1.47
C SER A 161 25.40 14.37 1.74
N GLN A 162 24.13 14.67 2.00
CA GLN A 162 23.19 13.59 2.27
C GLN A 162 22.93 12.77 1.00
N TYR A 163 22.87 13.44 -0.13
CA TYR A 163 22.69 12.79 -1.43
C TYR A 163 23.76 11.73 -1.62
N ARG A 164 25.00 12.09 -1.35
CA ARG A 164 26.09 11.12 -1.46
C ARG A 164 25.94 9.94 -0.50
N GLN A 165 25.50 10.21 0.73
CA GLN A 165 25.19 9.18 1.74
CA GLN A 165 25.26 9.11 1.66
C GLN A 165 24.12 8.20 1.20
N ILE A 166 23.09 8.75 0.57
CA ILE A 166 21.99 7.93 0.09
C ILE A 166 22.48 7.02 -1.04
N LYS A 167 23.24 7.57 -1.97
N LYS A 167 23.24 7.57 -1.97
CA LYS A 167 23.78 6.76 -3.07
CA LYS A 167 23.78 6.77 -3.07
C LYS A 167 24.71 5.67 -2.54
C LYS A 167 24.71 5.67 -2.54
N GLN A 168 25.47 5.98 -1.50
CA GLN A 168 26.37 4.97 -0.94
C GLN A 168 25.58 3.88 -0.22
N PHE A 169 24.46 4.27 0.39
CA PHE A 169 23.56 3.33 1.07
C PHE A 169 22.97 2.33 0.06
N THR A 170 22.60 2.80 -1.12
CA THR A 170 22.01 1.89 -2.10
C THR A 170 23.05 1.13 -2.92
N LYS A 171 24.30 1.59 -2.90
CA LYS A 171 25.38 0.93 -3.61
C LYS A 171 25.48 -0.53 -3.18
N GLY A 172 25.54 -1.42 -4.16
CA GLY A 172 25.66 -2.84 -3.90
C GLY A 172 24.37 -3.53 -3.48
N THR A 173 23.27 -2.78 -3.56
CA THR A 173 21.95 -3.36 -3.28
C THR A 173 21.11 -3.36 -4.56
N TRP A 174 19.93 -3.97 -4.47
CA TRP A 174 18.98 -3.99 -5.58
C TRP A 174 18.64 -2.57 -6.05
N ALA A 175 18.77 -1.61 -5.15
CA ALA A 175 18.37 -0.23 -5.43
C ALA A 175 19.51 0.65 -5.90
N GLU A 176 20.64 0.06 -6.29
CA GLU A 176 21.80 0.85 -6.66
C GLU A 176 21.51 1.94 -7.69
N ASN A 177 20.64 1.66 -8.65
CA ASN A 177 20.37 2.59 -9.73
C ASN A 177 19.13 3.45 -9.55
N VAL A 178 18.49 3.37 -8.39
N VAL A 178 18.53 3.40 -8.36
CA VAL A 178 17.26 4.13 -8.21
CA VAL A 178 17.32 4.17 -8.06
C VAL A 178 17.58 5.61 -8.09
C VAL A 178 17.62 5.66 -8.05
N PRO A 179 16.77 6.47 -8.72
CA PRO A 179 17.00 7.91 -8.75
C PRO A 179 16.68 8.57 -7.42
N ILE A 180 17.38 9.66 -7.13
CA ILE A 180 17.12 10.50 -5.97
C ILE A 180 16.66 11.86 -6.47
N ILE A 181 15.46 12.29 -6.07
CA ILE A 181 14.90 13.55 -6.53
C ILE A 181 14.66 14.47 -5.35
N PRO A 182 15.34 15.63 -5.32
CA PRO A 182 15.16 16.56 -4.20
C PRO A 182 13.93 17.43 -4.40
N VAL A 183 13.15 17.61 -3.34
CA VAL A 183 11.95 18.45 -3.41
C VAL A 183 11.70 19.14 -2.08
N SER A 184 10.79 20.11 -2.09
CA SER A 184 10.14 20.58 -0.89
C SER A 184 8.64 20.30 -1.02
N ALA A 185 8.14 19.35 -0.25
CA ALA A 185 6.71 19.03 -0.29
C ALA A 185 5.87 20.18 0.26
N LEU A 186 6.41 20.87 1.25
CA LEU A 186 5.69 21.95 1.90
C LEU A 186 5.52 23.15 0.96
N HIS A 187 6.58 23.50 0.24
CA HIS A 187 6.55 24.69 -0.60
C HIS A 187 6.37 24.36 -2.07
N LYS A 188 6.10 23.08 -2.34
CA LYS A 188 5.84 22.58 -3.69
C LYS A 188 6.95 22.99 -4.67
N ILE A 189 8.17 22.65 -4.28
CA ILE A 189 9.34 22.92 -5.11
C ILE A 189 9.84 21.63 -5.76
N ASN A 190 10.02 21.68 -7.07
CA ASN A 190 10.53 20.56 -7.88
C ASN A 190 9.60 19.34 -7.96
N ILE A 191 8.32 19.58 -7.72
CA ILE A 191 7.32 18.52 -7.81
C ILE A 191 7.15 18.05 -9.26
N ASP A 192 7.33 18.96 -10.22
CA ASP A 192 7.28 18.57 -11.63
C ASP A 192 8.34 17.53 -11.99
N SER A 193 9.54 17.70 -11.44
CA SER A 193 10.59 16.70 -11.65
C SER A 193 10.19 15.35 -11.08
N LEU A 194 9.49 15.36 -9.96
CA LEU A 194 9.05 14.11 -9.36
C LEU A 194 7.98 13.44 -10.23
N ILE A 195 7.07 14.21 -10.80
N ILE A 195 7.07 14.23 -10.78
CA ILE A 195 6.07 13.63 -11.68
CA ILE A 195 6.06 13.69 -11.70
C ILE A 195 6.73 13.03 -12.92
C ILE A 195 6.75 13.02 -12.88
N GLU A 196 7.72 13.72 -13.46
CA GLU A 196 8.50 13.17 -14.58
C GLU A 196 9.16 11.86 -14.15
N GLY A 197 9.71 11.84 -12.94
CA GLY A 197 10.33 10.64 -12.40
C GLY A 197 9.33 9.49 -12.28
N ILE A 198 8.14 9.79 -11.78
CA ILE A 198 7.11 8.77 -11.65
C ILE A 198 6.78 8.15 -13.02
N GLU A 199 6.66 8.98 -14.05
CA GLU A 199 6.41 8.49 -15.41
C GLU A 199 7.53 7.61 -15.94
N GLU A 200 8.78 7.97 -15.64
CA GLU A 200 9.92 7.22 -16.15
C GLU A 200 10.20 5.95 -15.36
N TYR A 201 10.07 6.01 -14.04
CA TYR A 201 10.54 4.94 -13.17
C TYR A 201 9.45 4.08 -12.56
N ILE A 202 8.22 4.58 -12.57
CA ILE A 202 7.11 3.80 -12.03
C ILE A 202 6.04 3.66 -13.09
N LYS A 203 6.41 2.95 -14.14
CA LYS A 203 5.49 2.65 -15.23
C LYS A 203 4.35 1.76 -14.73
N THR A 204 3.22 1.85 -15.41
CA THR A 204 2.13 0.95 -15.14
C THR A 204 2.53 -0.47 -15.51
N PRO A 205 2.41 -1.40 -14.55
CA PRO A 205 2.83 -2.78 -14.86
C PRO A 205 1.88 -3.49 -15.81
N TYR A 206 2.37 -4.53 -16.48
CA TYR A 206 1.48 -5.42 -17.20
C TYR A 206 0.46 -6.03 -16.23
N ARG A 207 -0.79 -6.15 -16.68
CA ARG A 207 -1.80 -6.82 -15.89
C ARG A 207 -2.29 -8.09 -16.60
N ASP A 208 -2.94 -8.99 -15.85
CA ASP A 208 -3.55 -10.16 -16.47
C ASP A 208 -5.03 -10.17 -16.13
N LEU A 209 -5.85 -9.76 -17.08
CA LEU A 209 -7.28 -9.61 -16.87
C LEU A 209 -8.04 -10.92 -16.97
N SER A 210 -7.35 -12.00 -17.32
CA SER A 210 -7.97 -13.31 -17.49
CA SER A 210 -8.02 -13.28 -17.47
C SER A 210 -7.83 -14.19 -16.25
N GLN A 211 -6.98 -13.76 -15.34
CA GLN A 211 -6.74 -14.53 -14.12
C GLN A 211 -7.98 -14.43 -13.25
N LYS A 212 -8.15 -15.38 -12.34
CA LYS A 212 -9.32 -15.32 -11.46
C LYS A 212 -9.28 -14.04 -10.64
N PRO A 213 -10.40 -13.31 -10.64
CA PRO A 213 -10.44 -12.01 -9.95
C PRO A 213 -10.17 -12.13 -8.47
N VAL A 214 -9.25 -11.32 -7.95
CA VAL A 214 -8.93 -11.27 -6.53
C VAL A 214 -8.74 -9.83 -6.10
N MET A 215 -9.44 -9.45 -5.03
CA MET A 215 -9.27 -8.13 -4.44
C MET A 215 -8.81 -8.31 -3.00
N LEU A 216 -7.75 -7.59 -2.61
CA LEU A 216 -7.29 -7.58 -1.23
C LEU A 216 -8.02 -6.46 -0.49
N VAL A 217 -8.67 -6.80 0.62
CA VAL A 217 -9.49 -5.83 1.35
C VAL A 217 -8.68 -5.07 2.39
N ILE A 218 -8.72 -3.73 2.36
CA ILE A 218 -8.07 -2.94 3.40
C ILE A 218 -9.00 -2.00 4.13
N ARG A 219 -10.22 -1.78 3.60
CA ARG A 219 -11.19 -0.91 4.25
C ARG A 219 -12.56 -1.54 4.13
N SER A 220 -13.44 -1.24 5.07
CA SER A 220 -14.85 -1.49 4.85
C SER A 220 -15.69 -0.49 5.63
N PHE A 221 -16.83 -0.11 5.04
CA PHE A 221 -17.60 1.03 5.54
C PHE A 221 -19.09 0.79 5.60
N ASP A 222 -19.74 1.54 6.49
CA ASP A 222 -21.17 1.84 6.40
C ASP A 222 -21.21 3.27 5.86
N VAL A 223 -21.73 3.44 4.64
CA VAL A 223 -21.72 4.76 3.98
C VAL A 223 -22.98 5.58 4.21
N ASN A 224 -23.89 5.07 5.03
CA ASN A 224 -25.12 5.80 5.34
C ASN A 224 -24.91 6.94 6.33
N LYS A 225 -25.33 8.13 5.93
CA LYS A 225 -25.14 9.33 6.72
C LYS A 225 -26.46 9.82 7.31
N PRO A 226 -26.41 10.56 8.42
CA PRO A 226 -27.64 11.12 8.99
C PRO A 226 -28.32 12.10 8.03
N GLY A 227 -29.62 12.27 8.20
CA GLY A 227 -30.37 13.28 7.45
C GLY A 227 -30.66 12.93 6.00
N THR A 228 -30.63 11.64 5.68
CA THR A 228 -30.88 11.22 4.30
C THR A 228 -32.16 10.41 4.17
N GLN A 229 -32.80 10.52 3.00
CA GLN A 229 -34.02 9.78 2.71
C GLN A 229 -33.69 8.29 2.55
N PHE A 230 -34.70 7.45 2.75
CA PHE A 230 -34.52 6.01 2.63
C PHE A 230 -34.12 5.58 1.21
N ASN A 231 -34.52 6.36 0.22
CA ASN A 231 -34.34 5.97 -1.19
C ASN A 231 -32.91 6.08 -1.72
N GLU A 232 -31.98 6.51 -0.88
CA GLU A 232 -30.57 6.55 -1.25
C GLU A 232 -29.69 5.97 -0.14
N LEU A 233 -30.28 5.12 0.70
CA LEU A 233 -29.51 4.37 1.68
C LEU A 233 -28.86 3.18 0.99
N LYS A 234 -27.71 2.74 1.49
CA LYS A 234 -26.95 1.69 0.81
C LYS A 234 -26.57 0.51 1.70
N GLY A 235 -26.26 -0.62 1.08
CA GLY A 235 -25.67 -1.73 1.78
C GLY A 235 -24.18 -1.50 2.00
N GLY A 236 -23.53 -2.44 2.66
CA GLY A 236 -22.13 -2.30 3.02
C GLY A 236 -21.17 -2.10 1.85
N VAL A 237 -20.15 -1.28 2.07
CA VAL A 237 -19.11 -1.04 1.05
C VAL A 237 -17.78 -1.64 1.49
N ILE A 238 -17.11 -2.30 0.55
CA ILE A 238 -15.83 -2.92 0.85
C ILE A 238 -14.73 -2.31 -0.04
N GLY A 239 -13.67 -1.84 0.58
CA GLY A 239 -12.60 -1.15 -0.13
C GLY A 239 -11.28 -1.92 -0.20
N GLY A 240 -10.60 -1.82 -1.33
CA GLY A 240 -9.32 -2.48 -1.46
C GLY A 240 -8.74 -2.40 -2.85
N SER A 241 -7.80 -3.30 -3.14
N SER A 241 -7.78 -3.26 -3.15
CA SER A 241 -7.03 -3.29 -4.37
CA SER A 241 -7.16 -3.21 -4.45
C SER A 241 -7.28 -4.58 -5.15
C SER A 241 -7.25 -4.54 -5.16
N ILE A 242 -7.65 -4.46 -6.42
CA ILE A 242 -7.76 -5.62 -7.28
C ILE A 242 -6.35 -5.99 -7.75
N ILE A 243 -5.91 -7.20 -7.42
CA ILE A 243 -4.53 -7.58 -7.74
C ILE A 243 -4.43 -8.41 -9.02
N GLN A 244 -5.55 -8.96 -9.46
CA GLN A 244 -5.61 -9.68 -10.72
C GLN A 244 -7.06 -9.79 -11.19
N GLY A 245 -7.23 -9.96 -12.49
CA GLY A 245 -8.55 -10.09 -13.06
C GLY A 245 -9.34 -8.80 -13.01
N LEU A 246 -10.64 -8.92 -13.11
CA LEU A 246 -11.50 -7.76 -12.96
C LEU A 246 -12.85 -8.13 -12.42
N PHE A 247 -13.52 -7.12 -11.88
CA PHE A 247 -14.84 -7.26 -11.29
C PHE A 247 -15.82 -6.37 -12.02
N LYS A 248 -17.08 -6.77 -12.05
CA LYS A 248 -18.12 -6.01 -12.74
C LYS A 248 -19.36 -5.89 -11.86
N VAL A 249 -20.11 -4.81 -12.03
CA VAL A 249 -21.40 -4.66 -11.35
C VAL A 249 -22.29 -5.86 -11.67
N ASP A 250 -23.03 -6.31 -10.66
CA ASP A 250 -23.97 -7.43 -10.73
C ASP A 250 -23.33 -8.80 -10.62
N GLN A 251 -22.01 -8.85 -10.47
CA GLN A 251 -21.32 -10.12 -10.28
C GLN A 251 -21.53 -10.69 -8.89
N GLU A 252 -21.73 -11.99 -8.84
CA GLU A 252 -21.78 -12.70 -7.56
CA GLU A 252 -21.79 -12.71 -7.56
C GLU A 252 -20.38 -12.90 -7.02
N ILE A 253 -20.15 -12.43 -5.80
CA ILE A 253 -18.82 -12.50 -5.20
C ILE A 253 -18.87 -13.13 -3.81
N LYS A 254 -17.71 -13.44 -3.26
CA LYS A 254 -17.63 -13.84 -1.86
C LYS A 254 -16.46 -13.20 -1.16
N VAL A 255 -16.62 -12.97 0.14
CA VAL A 255 -15.56 -12.47 1.00
C VAL A 255 -14.99 -13.63 1.79
N LEU A 256 -13.67 -13.80 1.72
CA LEU A 256 -12.97 -14.86 2.45
C LEU A 256 -11.97 -14.26 3.41
N PRO A 257 -11.76 -14.88 4.57
CA PRO A 257 -12.37 -16.12 5.09
C PRO A 257 -13.86 -15.97 5.39
N GLY A 258 -14.31 -14.74 5.68
CA GLY A 258 -15.72 -14.49 5.89
C GLY A 258 -16.04 -13.97 7.28
N LEU A 259 -17.15 -14.43 7.85
CA LEU A 259 -17.56 -14.01 9.18
C LEU A 259 -17.21 -15.06 10.23
N ARG A 260 -16.72 -14.60 11.38
CA ARG A 260 -16.44 -15.49 12.50
C ARG A 260 -17.75 -15.88 13.17
N VAL A 261 -18.09 -17.17 13.12
CA VAL A 261 -19.34 -17.65 13.70
C VAL A 261 -19.12 -18.95 14.46
N GLU A 262 -20.17 -19.43 15.12
CA GLU A 262 -20.11 -20.74 15.76
C GLU A 262 -20.68 -21.81 14.85
N LYS A 263 -19.98 -22.94 14.77
CA LYS A 263 -20.44 -24.09 14.02
C LYS A 263 -19.95 -25.37 14.69
N GLN A 264 -20.88 -26.12 15.28
CA GLN A 264 -20.59 -27.37 15.99
C GLN A 264 -19.68 -27.17 17.21
N GLY A 265 -20.03 -26.21 18.05
CA GLY A 265 -19.30 -25.95 19.28
C GLY A 265 -17.89 -25.44 19.07
N LYS A 266 -17.58 -25.07 17.82
CA LYS A 266 -16.26 -24.56 17.49
C LYS A 266 -16.37 -23.26 16.71
N VAL A 267 -15.30 -22.48 16.74
CA VAL A 267 -15.23 -21.24 15.98
C VAL A 267 -14.97 -21.59 14.51
N SER A 268 -15.71 -20.95 13.62
CA SER A 268 -15.59 -21.21 12.20
C SER A 268 -15.66 -19.89 11.46
N TYR A 269 -15.23 -19.89 10.20
CA TYR A 269 -15.43 -18.74 9.35
C TYR A 269 -16.34 -19.09 8.19
N GLU A 270 -17.43 -18.33 8.08
CA GLU A 270 -18.41 -18.57 7.03
C GLU A 270 -18.18 -17.58 5.92
N PRO A 271 -17.90 -18.08 4.70
CA PRO A 271 -17.75 -17.19 3.54
C PRO A 271 -18.98 -16.32 3.37
N ILE A 272 -18.76 -15.04 3.08
CA ILE A 272 -19.86 -14.10 2.94
C ILE A 272 -20.18 -13.93 1.47
N PHE A 273 -21.36 -14.38 1.05
CA PHE A 273 -21.77 -14.25 -0.34
C PHE A 273 -22.59 -13.00 -0.53
N THR A 274 -22.30 -12.26 -1.60
CA THR A 274 -23.10 -11.11 -1.95
C THR A 274 -22.96 -10.80 -3.44
N LYS A 275 -23.48 -9.66 -3.86
CA LYS A 275 -23.43 -9.27 -5.26
C LYS A 275 -22.93 -7.84 -5.32
N ILE A 276 -22.19 -7.50 -6.36
CA ILE A 276 -21.70 -6.12 -6.53
C ILE A 276 -22.82 -5.20 -7.00
N SER A 277 -23.13 -4.21 -6.17
CA SER A 277 -24.20 -3.27 -6.49
C SER A 277 -23.67 -2.02 -7.17
N SER A 278 -22.41 -1.67 -6.92
CA SER A 278 -21.84 -0.46 -7.49
C SER A 278 -20.33 -0.54 -7.35
N ILE A 279 -19.65 0.23 -8.20
CA ILE A 279 -18.19 0.31 -8.18
C ILE A 279 -17.79 1.77 -8.24
N ARG A 280 -16.93 2.20 -7.30
CA ARG A 280 -16.46 3.59 -7.29
C ARG A 280 -14.96 3.66 -7.07
N PHE A 281 -14.30 4.58 -7.78
CA PHE A 281 -12.93 4.97 -7.47
C PHE A 281 -12.99 6.46 -7.17
N GLY A 282 -12.50 6.88 -6.00
CA GLY A 282 -12.60 8.27 -5.64
C GLY A 282 -14.06 8.68 -5.59
N ASP A 283 -14.42 9.68 -6.39
CA ASP A 283 -15.82 10.15 -6.42
C ASP A 283 -16.56 9.74 -7.69
N GLU A 284 -15.97 8.83 -8.46
CA GLU A 284 -16.52 8.44 -9.75
C GLU A 284 -17.05 7.01 -9.75
N GLU A 285 -18.20 6.81 -10.38
CA GLU A 285 -18.77 5.48 -10.52
C GLU A 285 -18.37 4.82 -11.82
N PHE A 286 -18.21 3.49 -11.76
CA PHE A 286 -17.84 2.72 -12.93
C PHE A 286 -18.62 1.41 -12.98
N LYS A 287 -18.64 0.80 -14.15
CA LYS A 287 -19.32 -0.47 -14.33
C LYS A 287 -18.40 -1.66 -14.11
N GLU A 288 -17.10 -1.43 -14.17
CA GLU A 288 -16.14 -2.50 -13.92
C GLU A 288 -14.89 -1.96 -13.25
N ALA A 289 -14.12 -2.86 -12.64
CA ALA A 289 -12.93 -2.46 -11.92
C ALA A 289 -11.78 -3.40 -12.19
N LYS A 290 -10.61 -2.82 -12.43
CA LYS A 290 -9.39 -3.53 -12.80
C LYS A 290 -8.30 -3.22 -11.80
N PRO A 291 -7.13 -3.89 -11.91
CA PRO A 291 -6.05 -3.50 -11.00
C PRO A 291 -5.65 -2.03 -11.15
N GLY A 292 -5.20 -1.44 -10.06
CA GLY A 292 -4.85 -0.04 -10.05
C GLY A 292 -5.89 0.73 -9.27
N GLY A 293 -5.42 1.61 -8.40
CA GLY A 293 -6.30 2.37 -7.53
C GLY A 293 -6.87 1.53 -6.40
N LEU A 294 -7.52 2.20 -5.45
CA LEU A 294 -8.28 1.52 -4.41
C LEU A 294 -9.75 1.69 -4.72
N VAL A 295 -10.41 0.56 -4.90
CA VAL A 295 -11.80 0.57 -5.33
C VAL A 295 -12.74 0.41 -4.14
N ALA A 296 -13.90 1.05 -4.24
CA ALA A 296 -14.99 0.84 -3.28
C ALA A 296 -16.07 -0.02 -3.94
N ILE A 297 -16.21 -1.24 -3.44
CA ILE A 297 -17.20 -2.17 -3.96
C ILE A 297 -18.46 -2.09 -3.11
N GLY A 298 -19.57 -1.64 -3.72
CA GLY A 298 -20.86 -1.62 -3.05
C GLY A 298 -21.46 -3.01 -3.05
N THR A 299 -22.08 -3.40 -1.94
CA THR A 299 -22.70 -4.72 -1.85
C THR A 299 -24.14 -4.57 -1.36
N TYR A 300 -24.78 -5.72 -1.17
CA TYR A 300 -26.12 -5.75 -0.59
C TYR A 300 -26.07 -6.25 0.84
N LEU A 301 -24.87 -6.26 1.41
CA LEU A 301 -24.68 -6.70 2.79
C LEU A 301 -25.24 -5.70 3.79
N ASP A 302 -25.80 -6.23 4.88
CA ASP A 302 -26.12 -5.42 6.04
C ASP A 302 -24.86 -4.64 6.43
N PRO A 303 -24.97 -3.30 6.52
CA PRO A 303 -23.79 -2.45 6.77
C PRO A 303 -23.13 -2.70 8.13
N SER A 304 -23.76 -3.50 8.99
CA SER A 304 -23.14 -3.84 10.26
C SER A 304 -22.00 -4.84 10.05
N LEU A 305 -22.01 -5.52 8.91
CA LEU A 305 -20.95 -6.48 8.58
C LEU A 305 -19.70 -5.78 8.07
N THR A 306 -19.86 -4.56 7.59
CA THR A 306 -18.74 -3.86 6.95
C THR A 306 -18.26 -2.65 7.75
N LYS A 307 -19.07 -2.21 8.71
CA LYS A 307 -18.74 -1.01 9.50
C LYS A 307 -17.36 -1.08 10.15
N ALA A 308 -16.67 0.06 10.15
CA ALA A 308 -15.42 0.24 10.91
C ALA A 308 -14.30 -0.73 10.53
N ASP A 309 -14.10 -0.93 9.23
CA ASP A 309 -13.04 -1.80 8.72
C ASP A 309 -13.11 -3.23 9.26
N ASN A 310 -14.32 -3.71 9.55
CA ASN A 310 -14.51 -5.07 10.02
C ASN A 310 -13.89 -6.15 9.13
N LEU A 311 -13.83 -5.88 7.82
CA LEU A 311 -13.37 -6.91 6.88
C LEU A 311 -11.93 -6.73 6.41
N LEU A 312 -11.19 -5.83 7.07
CA LEU A 312 -9.79 -5.62 6.75
C LEU A 312 -9.02 -6.95 6.78
N GLY A 313 -8.24 -7.22 5.74
CA GLY A 313 -7.44 -8.43 5.69
C GLY A 313 -8.09 -9.54 4.89
N SER A 314 -9.37 -9.38 4.59
CA SER A 314 -10.08 -10.36 3.78
C SER A 314 -9.66 -10.24 2.33
N ILE A 315 -10.13 -11.20 1.53
CA ILE A 315 -10.08 -11.04 0.09
C ILE A 315 -11.48 -11.20 -0.50
N ILE A 316 -11.67 -10.64 -1.68
CA ILE A 316 -12.90 -10.89 -2.43
C ILE A 316 -12.54 -11.64 -3.70
N THR A 317 -13.33 -12.66 -4.03
CA THR A 317 -13.20 -13.38 -5.30
C THR A 317 -14.59 -13.59 -5.89
N LEU A 318 -14.68 -14.15 -7.09
CA LEU A 318 -15.99 -14.54 -7.59
C LEU A 318 -16.57 -15.67 -6.74
N ALA A 319 -17.89 -15.76 -6.70
CA ALA A 319 -18.59 -16.72 -5.83
C ALA A 319 -18.14 -18.17 -6.03
N ASP A 320 -17.84 -18.54 -7.27
CA ASP A 320 -17.53 -19.92 -7.61
C ASP A 320 -16.04 -20.24 -7.56
N ALA A 321 -15.21 -19.26 -7.25
CA ALA A 321 -13.76 -19.46 -7.22
C ALA A 321 -13.33 -20.43 -6.13
N GLU A 322 -12.32 -21.25 -6.42
CA GLU A 322 -11.76 -22.14 -5.41
C GLU A 322 -10.53 -21.50 -4.78
N VAL A 323 -10.65 -21.13 -3.51
CA VAL A 323 -9.57 -20.45 -2.81
C VAL A 323 -9.32 -21.12 -1.47
N PRO A 324 -8.09 -21.59 -1.25
CA PRO A 324 -7.75 -22.17 0.05
C PRO A 324 -7.92 -21.17 1.18
N VAL A 325 -8.58 -21.63 2.26
CA VAL A 325 -8.69 -20.85 3.48
C VAL A 325 -8.13 -21.74 4.58
N LEU A 326 -6.97 -21.33 5.10
CA LEU A 326 -6.13 -22.23 5.89
C LEU A 326 -5.95 -21.76 7.33
N TRP A 327 -6.17 -22.66 8.29
CA TRP A 327 -5.94 -22.37 9.70
C TRP A 327 -4.50 -22.70 10.06
N ASN A 328 -3.92 -23.63 9.30
CA ASN A 328 -2.54 -24.03 9.50
C ASN A 328 -1.79 -23.82 8.18
N ILE A 329 -0.65 -23.14 8.24
CA ILE A 329 0.12 -22.89 7.03
C ILE A 329 1.56 -23.35 7.14
N ARG A 330 2.13 -23.69 6.00
CA ARG A 330 3.52 -24.12 5.88
C ARG A 330 4.27 -23.06 5.09
N ILE A 331 5.37 -22.56 5.64
CA ILE A 331 6.10 -21.45 5.02
C ILE A 331 7.55 -21.82 4.76
N LYS A 332 7.99 -21.71 3.51
CA LYS A 332 9.39 -21.83 3.16
C LYS A 332 10.03 -20.47 3.42
N TYR A 333 10.89 -20.39 4.43
CA TYR A 333 11.31 -19.09 4.95
C TYR A 333 12.81 -18.80 4.89
N ASN A 334 13.11 -17.51 5.02
CA ASN A 334 14.47 -17.02 5.19
C ASN A 334 14.44 -15.94 6.26
N LEU A 335 15.50 -15.85 7.06
CA LEU A 335 15.57 -14.84 8.10
C LEU A 335 16.49 -13.69 7.71
N LEU A 336 16.12 -12.47 8.11
CA LEU A 336 17.04 -11.35 8.04
C LEU A 336 18.21 -11.58 9.01
N GLU A 337 19.32 -10.91 8.75
CA GLU A 337 20.49 -11.02 9.60
C GLU A 337 20.31 -10.20 10.87
N ARG A 338 19.70 -9.03 10.75
CA ARG A 338 19.48 -8.15 11.90
C ARG A 338 18.10 -7.50 11.93
N VAL A 339 17.72 -7.00 13.10
CA VAL A 339 16.46 -6.29 13.28
C VAL A 339 16.66 -4.83 12.89
N VAL A 340 16.23 -4.48 11.68
CA VAL A 340 16.57 -3.18 11.10
C VAL A 340 15.76 -1.99 11.63
N GLY A 341 14.58 -2.26 12.18
CA GLY A 341 13.70 -1.19 12.61
C GLY A 341 13.97 -0.62 14.00
N ALA A 342 14.93 -1.21 14.70
CA ALA A 342 15.28 -0.75 16.04
C ALA A 342 16.35 0.34 15.95
N LYS A 343 16.44 1.18 16.97
CA LYS A 343 17.43 2.25 16.98
C LYS A 343 18.82 1.64 17.02
N GLU A 344 18.90 0.41 17.53
CA GLU A 344 20.13 -0.36 17.51
C GLU A 344 19.86 -1.73 16.88
N MET A 345 20.67 -2.07 15.87
CA MET A 345 20.51 -3.33 15.16
C MET A 345 20.97 -4.52 16.01
N LEU A 346 20.06 -5.41 16.33
CA LEU A 346 20.41 -6.65 17.03
C LEU A 346 20.41 -7.79 16.02
N LYS A 347 21.14 -8.86 16.31
CA LYS A 347 21.08 -10.05 15.47
C LYS A 347 19.74 -10.75 15.65
N VAL A 348 19.30 -11.46 14.60
CA VAL A 348 18.03 -12.19 14.63
C VAL A 348 18.23 -13.63 15.11
N ASP A 349 17.53 -14.00 16.18
CA ASP A 349 17.61 -15.36 16.71
C ASP A 349 16.80 -16.32 15.84
N PRO A 350 17.24 -17.59 15.75
CA PRO A 350 16.50 -18.58 14.96
C PRO A 350 15.08 -18.77 15.47
N ILE A 351 14.17 -19.16 14.58
CA ILE A 351 12.81 -19.47 14.97
C ILE A 351 12.76 -20.76 15.76
N ARG A 352 12.00 -20.76 16.84
CA ARG A 352 11.84 -21.96 17.65
C ARG A 352 10.38 -22.35 17.79
N ALA A 353 10.15 -23.66 17.92
CA ALA A 353 8.80 -24.18 18.14
C ALA A 353 8.19 -23.53 19.37
N LYS A 354 6.88 -23.28 19.29
CA LYS A 354 6.07 -22.64 20.35
C LYS A 354 6.16 -21.11 20.40
N GLU A 355 6.99 -20.51 19.54
CA GLU A 355 7.00 -19.06 19.40
C GLU A 355 5.69 -18.59 18.81
N THR A 356 5.20 -17.45 19.29
CA THR A 356 4.09 -16.76 18.63
C THR A 356 4.66 -15.74 17.67
N LEU A 357 4.33 -15.88 16.39
CA LEU A 357 4.81 -14.96 15.39
C LEU A 357 3.65 -14.21 14.74
N MET A 358 3.98 -13.10 14.09
CA MET A 358 3.03 -12.32 13.32
C MET A 358 3.29 -12.54 11.83
N LEU A 359 2.24 -12.90 11.09
CA LEU A 359 2.36 -13.18 9.67
C LEU A 359 1.58 -12.16 8.86
N SER A 360 2.26 -11.50 7.93
CA SER A 360 1.61 -10.60 7.00
C SER A 360 1.42 -11.35 5.70
N VAL A 361 0.17 -11.48 5.26
CA VAL A 361 -0.14 -12.19 4.03
C VAL A 361 -1.15 -11.37 3.26
N GLY A 362 -0.80 -10.88 2.08
CA GLY A 362 -1.66 -9.97 1.37
C GLY A 362 -1.90 -8.76 2.24
N SER A 363 -3.17 -8.42 2.45
CA SER A 363 -3.51 -7.30 3.34
C SER A 363 -3.79 -7.74 4.77
N SER A 364 -3.64 -9.03 5.04
CA SER A 364 -3.99 -9.60 6.33
C SER A 364 -2.79 -9.65 7.28
N THR A 365 -3.09 -9.57 8.57
CA THR A 365 -2.10 -9.64 9.62
C THR A 365 -2.63 -10.60 10.68
N THR A 366 -1.90 -11.67 10.96
CA THR A 366 -2.41 -12.72 11.83
C THR A 366 -1.31 -13.24 12.76
N LEU A 367 -1.67 -13.50 14.01
CA LEU A 367 -0.75 -14.15 14.94
C LEU A 367 -0.94 -15.66 14.84
N GLY A 368 0.15 -16.39 15.09
CA GLY A 368 0.07 -17.84 15.12
C GLY A 368 1.22 -18.44 15.92
N ILE A 369 1.05 -19.69 16.30
CA ILE A 369 2.09 -20.37 17.05
C ILE A 369 2.83 -21.35 16.15
N VAL A 370 4.15 -21.36 16.25
CA VAL A 370 4.98 -22.27 15.47
C VAL A 370 4.87 -23.69 16.00
N THR A 371 4.33 -24.59 15.19
CA THR A 371 4.16 -25.98 15.58
C THR A 371 5.31 -26.86 15.10
N SER A 372 6.09 -26.36 14.14
CA SER A 372 7.20 -27.13 13.59
C SER A 372 8.25 -26.23 12.97
N VAL A 373 9.52 -26.52 13.26
CA VAL A 373 10.63 -25.78 12.66
C VAL A 373 11.63 -26.71 11.97
N LYS A 374 11.98 -26.35 10.75
CA LYS A 374 13.06 -27.01 10.02
C LYS A 374 13.99 -25.95 9.47
N LYS A 375 15.06 -26.39 8.78
CA LYS A 375 16.08 -25.48 8.28
C LYS A 375 15.51 -24.30 7.48
N ASP A 376 14.58 -24.60 6.58
CA ASP A 376 14.00 -23.55 5.75
C ASP A 376 12.48 -23.64 5.71
N GLU A 377 11.90 -24.35 6.67
CA GLU A 377 10.46 -24.58 6.65
C GLU A 377 9.85 -24.54 8.05
N ILE A 378 8.81 -23.73 8.21
CA ILE A 378 8.03 -23.73 9.45
C ILE A 378 6.57 -24.04 9.19
N GLU A 379 5.89 -24.58 10.20
CA GLU A 379 4.45 -24.72 10.16
C GLU A 379 3.86 -23.91 11.31
N VAL A 380 2.77 -23.21 11.02
CA VAL A 380 2.18 -22.27 11.96
C VAL A 380 0.68 -22.53 12.11
N GLU A 381 0.24 -22.60 13.36
CA GLU A 381 -1.18 -22.72 13.67
C GLU A 381 -1.70 -21.33 13.96
N LEU A 382 -2.56 -20.81 13.08
CA LEU A 382 -3.02 -19.42 13.14
C LEU A 382 -4.20 -19.22 14.08
N ARG A 383 -4.34 -17.99 14.59
CA ARG A 383 -5.48 -17.64 15.45
C ARG A 383 -6.76 -17.44 14.65
N ARG A 384 -6.59 -17.12 13.37
CA ARG A 384 -7.68 -17.02 12.43
C ARG A 384 -7.16 -17.39 11.05
N PRO A 385 -8.01 -18.00 10.22
CA PRO A 385 -7.51 -18.54 8.95
C PRO A 385 -7.18 -17.44 7.95
N VAL A 386 -6.30 -17.76 7.00
CA VAL A 386 -5.97 -16.83 5.95
C VAL A 386 -6.39 -17.37 4.57
N ALA A 387 -6.84 -16.47 3.70
CA ALA A 387 -7.16 -16.84 2.34
C ALA A 387 -5.87 -16.80 1.51
N VAL A 388 -5.53 -17.91 0.88
CA VAL A 388 -4.30 -18.00 0.09
C VAL A 388 -4.67 -18.27 -1.37
N TRP A 389 -4.65 -17.22 -2.19
CA TRP A 389 -5.31 -17.24 -3.50
C TRP A 389 -4.43 -17.78 -4.63
N SER A 390 -3.20 -18.16 -4.29
CA SER A 390 -2.26 -18.66 -5.29
C SER A 390 -1.15 -19.42 -4.57
N ASN A 391 -0.39 -20.20 -5.32
CA ASN A 391 0.79 -20.82 -4.75
C ASN A 391 1.88 -19.77 -4.61
N ASN A 392 2.81 -19.99 -3.68
CA ASN A 392 3.96 -19.11 -3.52
C ASN A 392 3.61 -17.62 -3.35
N ILE A 393 2.64 -17.35 -2.50
CA ILE A 393 2.38 -15.98 -2.06
C ILE A 393 3.41 -15.59 -0.99
N ARG A 394 3.92 -14.37 -1.08
CA ARG A 394 4.89 -13.83 -0.14
C ARG A 394 4.26 -13.62 1.24
N THR A 395 4.97 -14.01 2.28
CA THR A 395 4.60 -13.63 3.64
C THR A 395 5.78 -12.97 4.33
N VAL A 396 5.49 -12.00 5.18
CA VAL A 396 6.52 -11.37 5.99
C VAL A 396 6.31 -11.82 7.43
N ILE A 397 7.41 -12.13 8.10
CA ILE A 397 7.38 -12.74 9.42
C ILE A 397 7.91 -11.75 10.45
N SER A 398 7.12 -11.49 11.49
CA SER A 398 7.57 -10.59 12.56
C SER A 398 7.56 -11.29 13.91
N ARG A 399 8.43 -10.81 14.80
CA ARG A 399 8.58 -11.35 16.14
C ARG A 399 8.50 -10.20 17.13
N GLN A 400 7.91 -10.44 18.30
CA GLN A 400 7.91 -9.40 19.32
C GLN A 400 9.26 -9.34 20.01
N ILE A 401 9.95 -8.21 19.83
CA ILE A 401 11.27 -7.99 20.42
C ILE A 401 11.29 -6.66 21.17
N ALA A 402 11.60 -6.74 22.46
CA ALA A 402 11.60 -5.58 23.35
C ALA A 402 10.28 -4.80 23.30
N GLY A 403 9.18 -5.53 23.25
CA GLY A 403 7.86 -4.92 23.32
C GLY A 403 7.30 -4.40 22.01
N ARG A 404 8.00 -4.66 20.92
CA ARG A 404 7.54 -4.20 19.61
C ARG A 404 7.56 -5.33 18.59
N TRP A 405 6.57 -5.36 17.69
CA TRP A 405 6.64 -6.30 16.58
C TRP A 405 7.69 -5.85 15.59
N ARG A 406 8.64 -6.75 15.31
CA ARG A 406 9.74 -6.44 14.40
C ARG A 406 9.83 -7.48 13.32
N MET A 407 9.96 -7.01 12.09
CA MET A 407 10.16 -7.85 10.93
C MET A 407 11.47 -8.63 11.09
N ILE A 408 11.42 -9.96 10.98
CA ILE A 408 12.61 -10.79 11.15
C ILE A 408 12.90 -11.70 9.97
N GLY A 409 11.93 -11.86 9.07
CA GLY A 409 12.16 -12.72 7.93
C GLY A 409 11.00 -12.70 6.96
N TRP A 410 11.04 -13.60 6.00
CA TRP A 410 10.03 -13.66 4.97
C TRP A 410 10.01 -15.04 4.36
N GLY A 411 8.97 -15.33 3.59
CA GLY A 411 8.89 -16.62 2.94
C GLY A 411 7.76 -16.76 1.96
N LEU A 412 7.55 -18.00 1.51
CA LEU A 412 6.49 -18.31 0.59
C LEU A 412 5.53 -19.27 1.27
N VAL A 413 4.24 -18.95 1.22
CA VAL A 413 3.22 -19.85 1.78
C VAL A 413 3.01 -21.00 0.80
N GLU A 414 3.29 -22.22 1.27
CA GLU A 414 3.25 -23.39 0.41
C GLU A 414 1.91 -24.09 0.44
N ILE A 415 1.27 -24.20 -0.73
CA ILE A 415 0.05 -24.96 -0.87
C ILE A 415 0.22 -26.02 -1.95
#